data_9FQ4
#
_entry.id   9FQ4
#
_cell.length_a   85.478
_cell.length_b   96.196
_cell.length_c   94.728
_cell.angle_alpha   90.000
_cell.angle_beta   90.000
_cell.angle_gamma   90.000
#
_symmetry.space_group_name_H-M   'I 2 2 2'
#
loop_
_entity.id
_entity.type
_entity.pdbx_description
1 polymer 'Glyceraldehyde-3-phosphate dehydrogenase (Gap)'
2 non-polymer 'NADP NICOTINAMIDE-ADENINE-DINUCLEOTIDE PHOSPHATE'
3 non-polymer 'SULFATE ION'
4 water water
#
_entity_poly.entity_id   1
_entity_poly.type   'polypeptide(L)'
_entity_poly.pdbx_seq_one_letter_code
;MPIRIAINGTGRIGLCAIRVASQRKDIEIVAINSTAELETLLHLIRHDSVHGHFEAQLNADRTLNIGHSKNILVLSERDI
NKLDFSAANAEIIIECTGKFNSLEASSAHLKNSVKKVIISAPAQNTPTFVYGVNHKNYHNESVISNAS(CSD)TTNASAP
LLKILDEAFKVENALLTTIHSYTNDQNLLDTKHKDIRRARAAGLNLIPTSTGVSKAISLVLPHLGPKVTGLAIRVPTPNV
SLVDLSLNFKKSVSKASVQHALKDACKHAFKGVVSIDEERLVSSDFISSPFSAIVIDDQIMTIGEKNAKVLAWYDNEMGY
SERLIDMAQYIAQN
;
_entity_poly.pdbx_strand_id   A
#
loop_
_chem_comp.id
_chem_comp.type
_chem_comp.name
_chem_comp.formula
NAP non-polymer 'NADP NICOTINAMIDE-ADENINE-DINUCLEOTIDE PHOSPHATE' 'C21 H28 N7 O17 P3'
SO4 non-polymer 'SULFATE ION' 'O4 S -2'
#
# COMPACT_ATOMS: atom_id res chain seq x y z
N MET A 1 -5.49 -26.07 1.03
CA MET A 1 -4.28 -25.86 0.20
C MET A 1 -3.95 -24.37 0.17
N PRO A 2 -2.65 -23.98 0.14
CA PRO A 2 -2.32 -22.56 0.07
C PRO A 2 -2.88 -21.91 -1.20
N ILE A 3 -3.22 -20.62 -1.06
CA ILE A 3 -3.77 -19.84 -2.16
C ILE A 3 -2.67 -19.58 -3.19
N ARG A 4 -2.94 -19.92 -4.46
CA ARG A 4 -1.95 -19.86 -5.52
C ARG A 4 -1.97 -18.47 -6.18
N ILE A 5 -0.91 -17.67 -5.89
CA ILE A 5 -0.82 -16.34 -6.43
C ILE A 5 0.35 -16.24 -7.40
N ALA A 6 0.23 -15.25 -8.28
CA ALA A 6 1.35 -14.84 -9.11
C ALA A 6 1.53 -13.34 -9.01
N ILE A 7 2.78 -12.91 -9.03
CA ILE A 7 3.12 -11.50 -8.95
C ILE A 7 3.54 -11.02 -10.33
N ASN A 8 2.82 -10.01 -10.84
CA ASN A 8 3.13 -9.43 -12.12
C ASN A 8 3.85 -8.10 -11.92
N GLY A 9 5.14 -8.08 -12.28
CA GLY A 9 5.95 -6.90 -12.14
C GLY A 9 6.80 -6.97 -10.89
N THR A 10 8.09 -6.68 -11.02
CA THR A 10 9.04 -6.81 -9.93
C THR A 10 9.83 -5.53 -9.74
N GLY A 11 9.14 -4.38 -9.61
CA GLY A 11 9.74 -3.19 -9.10
C GLY A 11 9.55 -3.16 -7.57
N ARG A 12 9.51 -1.96 -7.02
CA ARG A 12 9.46 -1.85 -5.57
C ARG A 12 8.34 -2.66 -4.94
N ILE A 13 7.10 -2.43 -5.39
CA ILE A 13 5.97 -3.12 -4.80
C ILE A 13 5.98 -4.61 -5.10
N GLY A 14 6.30 -5.01 -6.34
CA GLY A 14 6.36 -6.43 -6.60
C GLY A 14 7.39 -7.16 -5.77
N LEU A 15 8.59 -6.57 -5.62
CA LEU A 15 9.63 -7.17 -4.79
C LEU A 15 9.16 -7.31 -3.34
N CYS A 16 8.57 -6.26 -2.78
CA CYS A 16 8.05 -6.31 -1.44
C CYS A 16 6.92 -7.34 -1.32
N ALA A 17 6.02 -7.40 -2.32
CA ALA A 17 4.95 -8.38 -2.28
C ALA A 17 5.48 -9.81 -2.29
N ILE A 18 6.55 -10.06 -3.08
CA ILE A 18 7.18 -11.37 -3.06
C ILE A 18 7.66 -11.72 -1.66
N ARG A 19 8.41 -10.77 -1.05
CA ARG A 19 8.95 -11.06 0.26
C ARG A 19 7.84 -11.29 1.28
N VAL A 20 6.84 -10.42 1.29
CA VAL A 20 5.72 -10.60 2.20
C VAL A 20 5.02 -11.95 1.99
N ALA A 21 4.66 -12.24 0.74
CA ALA A 21 3.90 -13.45 0.46
C ALA A 21 4.68 -14.69 0.83
N SER A 22 6.01 -14.64 0.67
CA SER A 22 6.86 -15.80 0.96
C SER A 22 6.79 -16.21 2.44
N GLN A 23 6.39 -15.27 3.31
CA GLN A 23 6.34 -15.51 4.74
C GLN A 23 4.96 -15.93 5.23
N ARG A 24 3.98 -16.05 4.32
CA ARG A 24 2.61 -16.39 4.68
C ARG A 24 2.36 -17.88 4.40
N LYS A 25 2.10 -18.67 5.44
CA LYS A 25 1.97 -20.10 5.24
C LYS A 25 0.71 -20.45 4.41
N ASP A 26 -0.27 -19.56 4.36
CA ASP A 26 -1.51 -19.80 3.63
C ASP A 26 -1.43 -19.35 2.17
N ILE A 27 -0.26 -18.88 1.74
CA ILE A 27 -0.05 -18.43 0.38
C ILE A 27 1.00 -19.33 -0.26
N GLU A 28 0.85 -19.57 -1.55
CA GLU A 28 1.93 -20.09 -2.37
C GLU A 28 2.09 -19.17 -3.57
N ILE A 29 3.26 -18.54 -3.70
CA ILE A 29 3.65 -17.84 -4.90
C ILE A 29 4.00 -18.89 -5.93
N VAL A 30 3.18 -19.06 -6.94
CA VAL A 30 3.43 -20.08 -7.94
C VAL A 30 4.15 -19.51 -9.15
N ALA A 31 4.14 -18.20 -9.34
CA ALA A 31 4.86 -17.62 -10.47
C ALA A 31 5.13 -16.15 -10.22
N ILE A 32 6.18 -15.66 -10.86
CA ILE A 32 6.54 -14.26 -10.90
C ILE A 32 6.82 -13.91 -12.35
N ASN A 33 6.24 -12.83 -12.87
CA ASN A 33 6.60 -12.29 -14.17
C ASN A 33 7.46 -11.05 -13.94
N SER A 34 8.66 -11.08 -14.48
CA SER A 34 9.64 -10.03 -14.31
C SER A 34 10.27 -9.69 -15.63
N THR A 35 10.50 -8.39 -15.89
CA THR A 35 11.30 -7.95 -17.02
C THR A 35 12.80 -8.05 -16.76
N ALA A 36 13.21 -8.38 -15.54
CA ALA A 36 14.61 -8.63 -15.25
C ALA A 36 15.03 -10.04 -15.70
N GLU A 37 16.33 -10.19 -15.95
CA GLU A 37 16.89 -11.52 -16.08
C GLU A 37 16.74 -12.29 -14.75
N LEU A 38 16.63 -13.62 -14.83
CA LEU A 38 16.40 -14.45 -13.64
C LEU A 38 17.38 -14.16 -12.52
N GLU A 39 18.67 -14.11 -12.81
CA GLU A 39 19.69 -13.91 -11.80
CA GLU A 39 19.64 -13.95 -11.72
C GLU A 39 19.56 -12.53 -11.20
N THR A 40 19.15 -11.55 -12.02
CA THR A 40 18.95 -10.17 -11.51
C THR A 40 17.73 -10.11 -10.60
N LEU A 41 16.64 -10.77 -10.98
CA LEU A 41 15.47 -10.87 -10.11
C LEU A 41 15.89 -11.46 -8.75
N LEU A 42 16.60 -12.58 -8.75
CA LEU A 42 17.02 -13.20 -7.51
C LEU A 42 17.86 -12.22 -6.68
N HIS A 43 18.79 -11.51 -7.34
CA HIS A 43 19.63 -10.55 -6.69
C HIS A 43 18.84 -9.42 -6.00
N LEU A 44 17.82 -8.91 -6.71
CA LEU A 44 16.96 -7.84 -6.19
C LEU A 44 16.12 -8.35 -5.03
N ILE A 45 15.64 -9.59 -5.09
CA ILE A 45 14.89 -10.12 -3.96
C ILE A 45 15.79 -10.19 -2.72
N ARG A 46 17.02 -10.65 -2.92
CA ARG A 46 17.94 -10.92 -1.82
C ARG A 46 18.49 -9.65 -1.15
N HIS A 47 18.74 -8.59 -1.91
CA HIS A 47 19.55 -7.48 -1.41
C HIS A 47 18.84 -6.16 -1.67
N ASP A 48 18.49 -5.48 -0.57
CA ASP A 48 17.70 -4.26 -0.67
C ASP A 48 18.42 -3.16 0.11
N SER A 49 18.67 -2.04 -0.54
CA SER A 49 19.40 -0.93 0.08
C SER A 49 18.70 -0.42 1.34
N VAL A 50 17.37 -0.51 1.38
CA VAL A 50 16.58 0.00 2.49
C VAL A 50 16.20 -1.11 3.45
N HIS A 51 15.73 -2.25 2.93
CA HIS A 51 15.15 -3.28 3.75
C HIS A 51 16.14 -4.36 4.17
N GLY A 52 17.36 -4.36 3.64
CA GLY A 52 18.36 -5.33 4.03
C GLY A 52 18.31 -6.60 3.21
N HIS A 53 18.81 -7.68 3.80
CA HIS A 53 19.02 -8.92 3.09
C HIS A 53 17.88 -9.90 3.36
N PHE A 54 17.64 -10.76 2.37
N PHE A 54 17.59 -10.74 2.37
CA PHE A 54 16.55 -11.72 2.40
CA PHE A 54 16.52 -11.71 2.47
C PHE A 54 17.06 -13.04 1.83
C PHE A 54 17.00 -13.01 1.84
N GLU A 55 16.68 -14.16 2.45
CA GLU A 55 17.08 -15.46 1.91
C GLU A 55 16.19 -15.85 0.75
N ALA A 56 16.82 -16.29 -0.36
CA ALA A 56 16.13 -16.77 -1.53
C ALA A 56 17.11 -17.63 -2.32
N GLN A 57 16.63 -18.71 -2.89
CA GLN A 57 17.49 -19.65 -3.59
C GLN A 57 16.91 -20.02 -4.94
N LEU A 58 17.82 -20.46 -5.81
CA LEU A 58 17.49 -20.99 -7.08
C LEU A 58 17.48 -22.51 -6.97
N ASN A 59 16.36 -23.13 -7.29
CA ASN A 59 16.29 -24.59 -7.34
C ASN A 59 17.05 -25.11 -8.57
N ALA A 60 17.32 -26.42 -8.56
CA ALA A 60 17.99 -27.07 -9.66
C ALA A 60 17.25 -26.86 -10.99
N ASP A 61 15.92 -26.80 -10.97
CA ASP A 61 15.17 -26.57 -12.21
C ASP A 61 14.94 -25.10 -12.55
N ARG A 62 15.58 -24.21 -11.81
CA ARG A 62 15.57 -22.78 -12.07
C ARG A 62 14.25 -22.09 -11.72
N THR A 63 13.40 -22.78 -10.97
CA THR A 63 12.38 -22.09 -10.18
C THR A 63 13.03 -21.48 -8.95
N LEU A 64 12.37 -20.50 -8.36
CA LEU A 64 12.83 -19.92 -7.11
C LEU A 64 12.22 -20.57 -5.87
N ASN A 65 12.96 -20.46 -4.76
CA ASN A 65 12.60 -21.06 -3.50
C ASN A 65 12.74 -19.98 -2.46
N ILE A 66 11.62 -19.50 -1.94
CA ILE A 66 11.62 -18.38 -1.02
C ILE A 66 10.59 -18.64 0.09
N GLY A 67 11.04 -18.87 1.32
CA GLY A 67 10.12 -19.06 2.42
C GLY A 67 9.22 -20.26 2.19
N HIS A 68 7.92 -20.06 2.31
CA HIS A 68 6.95 -21.12 2.13
C HIS A 68 6.67 -21.44 0.66
N SER A 69 7.21 -20.66 -0.26
CA SER A 69 6.97 -20.80 -1.68
C SER A 69 8.19 -21.42 -2.34
N LYS A 70 8.18 -22.75 -2.45
CA LYS A 70 9.38 -23.50 -2.73
C LYS A 70 9.59 -23.79 -4.21
N ASN A 71 8.64 -23.41 -5.06
CA ASN A 71 8.66 -23.81 -6.46
C ASN A 71 8.08 -22.72 -7.35
N ILE A 72 8.72 -21.54 -7.37
CA ILE A 72 8.17 -20.38 -8.05
C ILE A 72 8.65 -20.34 -9.49
N LEU A 73 7.74 -20.43 -10.45
CA LEU A 73 8.07 -20.31 -11.85
C LEU A 73 8.34 -18.85 -12.22
N VAL A 74 9.45 -18.60 -12.93
CA VAL A 74 9.80 -17.26 -13.34
C VAL A 74 9.53 -17.09 -14.82
N LEU A 75 8.71 -16.11 -15.15
CA LEU A 75 8.34 -15.71 -16.49
C LEU A 75 8.94 -14.36 -16.83
N SER A 76 9.01 -14.04 -18.12
CA SER A 76 9.48 -12.75 -18.58
C SER A 76 8.77 -12.33 -19.84
N GLU A 77 7.53 -11.85 -19.72
CA GLU A 77 6.73 -11.47 -20.86
C GLU A 77 6.00 -10.17 -20.55
N ARG A 78 6.42 -9.09 -21.19
CA ARG A 78 5.85 -7.78 -20.95
C ARG A 78 4.41 -7.70 -21.49
N ASP A 79 4.13 -8.40 -22.59
CA ASP A 79 2.84 -8.29 -23.25
C ASP A 79 1.79 -9.11 -22.50
N ILE A 80 0.84 -8.41 -21.88
CA ILE A 80 -0.13 -9.04 -21.02
C ILE A 80 -0.99 -10.05 -21.76
N ASN A 81 -1.12 -9.84 -23.07
CA ASN A 81 -1.91 -10.79 -23.89
C ASN A 81 -1.15 -12.08 -24.23
N LYS A 82 0.18 -12.01 -24.30
CA LYS A 82 1.01 -13.20 -24.49
C LYS A 82 1.32 -13.89 -23.17
N LEU A 83 1.34 -13.13 -22.09
CA LEU A 83 1.68 -13.66 -20.77
C LEU A 83 0.72 -14.78 -20.42
N ASP A 84 1.25 -15.88 -19.91
CA ASP A 84 0.48 -17.06 -19.63
C ASP A 84 0.96 -17.74 -18.37
N PHE A 85 0.16 -17.70 -17.33
CA PHE A 85 0.52 -18.26 -16.04
C PHE A 85 0.05 -19.71 -15.93
N SER A 86 -0.31 -20.38 -17.05
CA SER A 86 -1.00 -21.67 -16.98
C SER A 86 -0.15 -22.75 -16.38
N ALA A 87 1.16 -22.76 -16.69
CA ALA A 87 2.02 -23.83 -16.24
C ALA A 87 2.13 -23.78 -14.74
N ALA A 88 1.79 -22.64 -14.11
CA ALA A 88 1.88 -22.54 -12.67
C ALA A 88 0.53 -22.68 -12.00
N ASN A 89 -0.59 -22.67 -12.75
CA ASN A 89 -1.92 -22.80 -12.18
C ASN A 89 -2.21 -21.66 -11.19
N ALA A 90 -1.83 -20.44 -11.53
CA ALA A 90 -2.11 -19.27 -10.71
C ALA A 90 -3.58 -18.98 -10.69
N GLU A 91 -4.09 -18.62 -9.50
CA GLU A 91 -5.49 -18.26 -9.35
C GLU A 91 -5.71 -16.76 -9.11
N ILE A 92 -4.80 -16.09 -8.40
CA ILE A 92 -4.92 -14.67 -8.12
C ILE A 92 -3.65 -13.99 -8.59
N ILE A 93 -3.81 -12.94 -9.39
CA ILE A 93 -2.70 -12.12 -9.85
C ILE A 93 -2.61 -10.88 -8.98
N ILE A 94 -1.40 -10.61 -8.46
CA ILE A 94 -1.07 -9.34 -7.77
C ILE A 94 -0.39 -8.48 -8.84
N GLU A 95 -1.10 -7.48 -9.35
CA GLU A 95 -0.69 -6.68 -10.49
C GLU A 95 0.07 -5.43 -10.00
N CYS A 96 1.40 -5.45 -10.22
CA CYS A 96 2.34 -4.50 -9.61
C CYS A 96 3.15 -3.71 -10.61
N THR A 97 2.79 -3.73 -11.90
CA THR A 97 3.60 -3.09 -12.92
C THR A 97 3.42 -1.58 -13.00
N GLY A 98 2.26 -1.07 -12.55
CA GLY A 98 1.90 0.31 -12.82
C GLY A 98 1.40 0.62 -14.21
N LYS A 99 1.31 -0.37 -15.08
CA LYS A 99 1.01 -0.16 -16.51
C LYS A 99 -0.39 -0.62 -16.92
N PHE A 100 -1.11 -1.29 -16.00
CA PHE A 100 -2.44 -1.79 -16.27
C PHE A 100 -3.43 -1.35 -15.19
N ASN A 101 -3.33 -0.09 -14.74
CA ASN A 101 -4.15 0.38 -13.65
C ASN A 101 -5.52 0.84 -14.12
N SER A 102 -6.30 -0.09 -14.65
CA SER A 102 -7.67 0.15 -15.04
C SER A 102 -8.36 -1.18 -15.07
N LEU A 103 -9.69 -1.13 -14.98
CA LEU A 103 -10.48 -2.35 -15.06
C LEU A 103 -10.24 -3.04 -16.41
N GLU A 104 -10.35 -2.25 -17.49
CA GLU A 104 -10.18 -2.81 -18.81
C GLU A 104 -8.80 -3.44 -18.98
N ALA A 105 -7.74 -2.77 -18.57
CA ALA A 105 -6.40 -3.25 -18.82
C ALA A 105 -6.09 -4.52 -18.03
N SER A 106 -6.40 -4.51 -16.73
CA SER A 106 -6.08 -5.64 -15.89
C SER A 106 -7.00 -6.84 -16.15
N SER A 107 -8.15 -6.60 -16.74
CA SER A 107 -9.05 -7.68 -17.11
C SER A 107 -8.41 -8.62 -18.16
N ALA A 108 -7.35 -8.18 -18.83
CA ALA A 108 -6.62 -9.06 -19.74
C ALA A 108 -5.99 -10.24 -19.01
N HIS A 109 -5.74 -10.14 -17.71
CA HIS A 109 -5.21 -11.26 -16.94
C HIS A 109 -6.26 -12.39 -16.78
N LEU A 110 -7.56 -12.10 -16.93
CA LEU A 110 -8.60 -13.06 -16.64
C LEU A 110 -8.73 -14.04 -17.81
N LYS A 111 -7.99 -15.11 -17.71
CA LYS A 111 -7.93 -16.16 -18.72
C LYS A 111 -7.36 -17.38 -18.05
N ASN A 112 -7.52 -18.53 -18.68
CA ASN A 112 -6.93 -19.76 -18.20
C ASN A 112 -7.33 -19.97 -16.74
N SER A 113 -6.38 -20.28 -15.87
CA SER A 113 -6.66 -20.60 -14.47
C SER A 113 -6.98 -19.38 -13.61
N VAL A 114 -6.72 -18.18 -14.12
CA VAL A 114 -6.79 -16.99 -13.26
C VAL A 114 -8.25 -16.62 -12.98
N LYS A 115 -8.56 -16.46 -11.69
CA LYS A 115 -9.88 -16.12 -11.20
C LYS A 115 -10.00 -14.62 -10.85
N LYS A 116 -8.97 -14.06 -10.24
CA LYS A 116 -9.05 -12.73 -9.67
C LYS A 116 -7.74 -11.98 -9.87
N VAL A 117 -7.86 -10.64 -9.86
CA VAL A 117 -6.74 -9.72 -9.94
C VAL A 117 -6.87 -8.67 -8.85
N ILE A 118 -5.77 -8.40 -8.15
CA ILE A 118 -5.67 -7.26 -7.24
C ILE A 118 -4.62 -6.33 -7.78
N ILE A 119 -5.03 -5.09 -8.06
CA ILE A 119 -4.16 -4.07 -8.64
C ILE A 119 -3.53 -3.27 -7.51
N SER A 120 -2.21 -3.10 -7.57
CA SER A 120 -1.42 -2.42 -6.54
C SER A 120 -1.46 -0.91 -6.62
N ALA A 121 -2.60 -0.33 -6.99
CA ALA A 121 -2.69 1.10 -7.18
C ALA A 121 -4.15 1.46 -7.37
N PRO A 122 -4.51 2.75 -7.20
CA PRO A 122 -5.82 3.20 -7.68
C PRO A 122 -5.96 2.80 -9.14
N ALA A 123 -7.17 2.44 -9.55
CA ALA A 123 -7.38 1.98 -10.92
C ALA A 123 -8.75 2.46 -11.43
N GLN A 124 -8.73 2.99 -12.64
CA GLN A 124 -9.92 3.52 -13.25
C GLN A 124 -11.02 2.47 -13.32
N ASN A 125 -12.24 2.88 -12.96
CA ASN A 125 -13.44 2.06 -13.07
C ASN A 125 -13.37 0.75 -12.27
N THR A 126 -12.50 0.67 -11.26
CA THR A 126 -12.26 -0.58 -10.57
C THR A 126 -12.77 -0.52 -9.14
N PRO A 127 -13.51 -1.56 -8.69
CA PRO A 127 -13.93 -1.65 -7.28
C PRO A 127 -12.70 -1.58 -6.37
N THR A 128 -12.75 -0.68 -5.38
CA THR A 128 -11.58 -0.38 -4.56
C THR A 128 -11.88 -0.73 -3.11
N PHE A 129 -10.93 -1.39 -2.48
CA PHE A 129 -11.07 -1.83 -1.10
C PHE A 129 -9.79 -1.54 -0.34
N VAL A 130 -9.97 -1.09 0.91
CA VAL A 130 -8.89 -0.91 1.86
C VAL A 130 -9.19 -1.81 3.05
N TYR A 131 -8.20 -2.65 3.37
CA TYR A 131 -8.33 -3.58 4.46
C TYR A 131 -8.51 -2.84 5.79
N GLY A 132 -9.55 -3.26 6.50
CA GLY A 132 -9.97 -2.65 7.75
C GLY A 132 -10.94 -1.49 7.59
N VAL A 133 -11.11 -0.99 6.39
CA VAL A 133 -11.98 0.14 6.13
C VAL A 133 -13.29 -0.31 5.50
N ASN A 134 -13.20 -0.94 4.29
CA ASN A 134 -14.39 -1.36 3.57
C ASN A 134 -14.23 -2.74 2.94
N HIS A 135 -13.21 -3.50 3.32
CA HIS A 135 -12.99 -4.76 2.65
C HIS A 135 -14.12 -5.76 2.86
N LYS A 136 -14.84 -5.67 3.97
CA LYS A 136 -15.94 -6.60 4.18
C LYS A 136 -17.10 -6.37 3.24
N ASN A 137 -17.09 -5.27 2.51
CA ASN A 137 -18.08 -5.03 1.48
C ASN A 137 -17.74 -5.77 0.18
N TYR A 138 -16.58 -6.39 0.09
CA TYR A 138 -16.23 -7.18 -1.08
C TYR A 138 -17.34 -8.19 -1.39
N HIS A 139 -17.66 -8.33 -2.68
CA HIS A 139 -18.77 -9.18 -3.10
C HIS A 139 -18.36 -9.87 -4.40
N ASN A 140 -17.27 -10.60 -4.34
CA ASN A 140 -16.80 -11.51 -5.36
C ASN A 140 -16.39 -10.85 -6.67
N GLU A 141 -16.05 -9.57 -6.62
CA GLU A 141 -15.55 -8.90 -7.82
C GLU A 141 -14.25 -9.56 -8.25
N SER A 142 -14.07 -9.72 -9.57
CA SER A 142 -12.90 -10.42 -10.10
C SER A 142 -11.67 -9.53 -10.28
N VAL A 143 -11.84 -8.21 -10.38
CA VAL A 143 -10.73 -7.31 -10.48
C VAL A 143 -10.98 -6.21 -9.45
N ILE A 144 -10.03 -6.00 -8.55
CA ILE A 144 -10.17 -4.95 -7.54
C ILE A 144 -8.86 -4.18 -7.45
N SER A 145 -8.97 -3.00 -6.84
CA SER A 145 -7.83 -2.15 -6.51
C SER A 145 -7.66 -2.11 -5.00
N ASN A 146 -6.39 -2.10 -4.59
CA ASN A 146 -6.01 -1.91 -3.20
C ASN A 146 -5.71 -0.44 -2.85
N ALA A 147 -6.10 0.49 -3.74
CA ALA A 147 -5.95 1.92 -3.51
C ALA A 147 -4.46 2.28 -3.47
N SER A 148 -4.14 3.45 -2.96
CA SER A 148 -2.77 3.88 -2.78
C SER A 148 -2.28 3.62 -1.37
N CSD A 149 -0.97 3.74 -1.17
CA CSD A 149 -0.37 3.64 0.16
CB CSD A 149 1.14 3.50 0.06
SG CSD A 149 2.04 4.72 -0.96
C CSD A 149 -0.87 4.77 1.08
O CSD A 149 -1.16 4.50 2.24
OD1 CSD A 149 1.19 4.85 -2.18
OD2 CSD A 149 1.91 5.92 -0.20
H CSD A 149 -0.42 3.90 -1.88
HA CSD A 149 -0.70 2.80 0.55
HB2 CSD A 149 1.52 3.54 0.97
HB3 CSD A 149 1.35 2.61 -0.29
HD2 CSD A 149 2.30 6.57 -0.62
N THR A 150 -1.03 5.98 0.55
CA THR A 150 -1.54 7.07 1.36
C THR A 150 -2.96 6.82 1.79
N THR A 151 -3.81 6.27 0.91
CA THR A 151 -5.19 5.98 1.29
C THR A 151 -5.22 4.89 2.36
N ASN A 152 -4.33 3.88 2.24
CA ASN A 152 -4.25 2.87 3.28
C ASN A 152 -3.85 3.43 4.64
N ALA A 153 -3.09 4.52 4.66
CA ALA A 153 -2.72 5.13 5.95
C ALA A 153 -3.85 6.02 6.45
N SER A 154 -4.44 6.81 5.54
CA SER A 154 -5.33 7.86 5.99
CA SER A 154 -5.36 7.88 5.90
C SER A 154 -6.77 7.36 6.21
N ALA A 155 -7.24 6.40 5.41
CA ALA A 155 -8.63 5.97 5.57
C ALA A 155 -8.90 5.28 6.89
N PRO A 156 -8.00 4.43 7.43
CA PRO A 156 -8.24 3.88 8.77
C PRO A 156 -8.39 5.00 9.80
N LEU A 157 -7.47 5.96 9.78
CA LEU A 157 -7.48 7.03 10.76
C LEU A 157 -8.78 7.82 10.64
N LEU A 158 -9.20 8.16 9.41
CA LEU A 158 -10.44 8.91 9.24
C LEU A 158 -11.62 8.11 9.74
N LYS A 159 -11.65 6.81 9.53
CA LYS A 159 -12.76 6.01 10.00
C LYS A 159 -12.81 5.99 11.53
N ILE A 160 -11.66 5.80 12.16
CA ILE A 160 -11.59 5.75 13.62
C ILE A 160 -12.08 7.08 14.19
N LEU A 161 -11.53 8.15 13.68
CA LEU A 161 -11.77 9.46 14.25
C LEU A 161 -13.18 9.95 13.94
N ASP A 162 -13.73 9.61 12.78
CA ASP A 162 -15.12 9.90 12.46
C ASP A 162 -16.05 9.17 13.39
N GLU A 163 -15.82 7.87 13.61
CA GLU A 163 -16.66 7.10 14.51
C GLU A 163 -16.66 7.70 15.90
N ALA A 164 -15.49 8.18 16.37
CA ALA A 164 -15.39 8.73 17.72
C ALA A 164 -15.99 10.13 17.84
N PHE A 165 -15.71 11.02 16.89
CA PHE A 165 -15.91 12.45 17.08
C PHE A 165 -16.72 13.14 15.97
N LYS A 166 -16.95 12.44 14.87
CA LYS A 166 -17.70 12.93 13.71
C LYS A 166 -16.88 13.98 12.94
N VAL A 167 -16.26 13.55 11.84
CA VAL A 167 -15.52 14.47 11.01
C VAL A 167 -16.47 15.42 10.31
N GLU A 168 -16.27 16.73 10.50
CA GLU A 168 -16.94 17.72 9.67
CA GLU A 168 -16.93 17.76 9.69
C GLU A 168 -16.14 17.99 8.41
N ASN A 169 -14.83 18.23 8.57
CA ASN A 169 -13.95 18.38 7.40
C ASN A 169 -12.54 17.99 7.86
N ALA A 170 -11.72 17.62 6.88
CA ALA A 170 -10.32 17.36 7.15
C ALA A 170 -9.47 17.72 5.95
N LEU A 171 -8.25 18.14 6.26
CA LEU A 171 -7.21 18.44 5.28
C LEU A 171 -6.02 17.53 5.56
N LEU A 172 -5.53 16.90 4.50
CA LEU A 172 -4.44 15.91 4.60
C LEU A 172 -3.22 16.40 3.85
N THR A 173 -2.05 16.27 4.47
CA THR A 173 -0.78 16.40 3.77
C THR A 173 0.00 15.11 4.03
N THR A 174 0.57 14.52 2.99
CA THR A 174 1.52 13.43 3.23
C THR A 174 2.92 13.93 2.90
N ILE A 175 3.84 13.76 3.87
CA ILE A 175 5.24 14.03 3.69
C ILE A 175 5.82 12.68 3.29
N HIS A 176 6.14 12.53 2.01
CA HIS A 176 6.23 11.21 1.42
C HIS A 176 7.62 10.98 0.81
N SER A 177 8.15 9.77 1.03
CA SER A 177 9.39 9.39 0.41
C SER A 177 9.27 9.42 -1.11
N TYR A 178 10.39 9.63 -1.77
CA TYR A 178 10.38 9.54 -3.23
C TYR A 178 10.12 8.11 -3.67
N THR A 179 9.65 7.98 -4.91
CA THR A 179 9.37 6.70 -5.54
C THR A 179 9.97 6.70 -6.94
N ASN A 180 9.95 5.52 -7.57
CA ASN A 180 10.48 5.37 -8.90
C ASN A 180 9.69 6.08 -9.98
N ASP A 181 8.52 6.66 -9.66
CA ASP A 181 7.86 7.54 -10.62
C ASP A 181 8.57 8.87 -10.82
N GLN A 182 9.42 9.22 -9.85
CA GLN A 182 10.13 10.48 -9.85
C GLN A 182 11.40 10.38 -10.67
N ASN A 183 12.09 11.49 -10.80
CA ASN A 183 13.31 11.63 -11.60
C ASN A 183 14.53 11.81 -10.70
N LEU A 184 15.63 11.17 -11.05
CA LEU A 184 16.87 11.37 -10.33
C LEU A 184 17.38 12.78 -10.52
N LEU A 185 17.41 13.29 -11.73
CA LEU A 185 17.86 14.61 -12.08
C LEU A 185 16.83 15.29 -12.96
N ASP A 186 16.83 16.61 -13.00
CA ASP A 186 15.79 17.39 -13.68
C ASP A 186 15.69 16.99 -15.14
N THR A 187 14.50 16.49 -15.52
CA THR A 187 14.22 16.03 -16.86
C THR A 187 12.71 15.97 -17.02
N LYS A 188 12.26 15.68 -18.25
CA LYS A 188 10.85 15.60 -18.56
C LYS A 188 10.09 14.77 -17.56
N HIS A 189 8.87 15.25 -17.24
CA HIS A 189 7.87 14.49 -16.53
C HIS A 189 6.54 15.13 -16.85
N LYS A 190 5.47 14.36 -16.82
CA LYS A 190 4.13 14.94 -16.98
C LYS A 190 3.78 15.95 -15.89
N ASP A 191 4.29 15.71 -14.68
CA ASP A 191 4.12 16.60 -13.56
C ASP A 191 5.40 17.42 -13.46
N ILE A 192 5.35 18.74 -13.70
CA ILE A 192 6.55 19.56 -13.85
C ILE A 192 7.27 19.77 -12.53
N ARG A 193 6.66 19.39 -11.41
CA ARG A 193 7.44 19.33 -10.18
C ARG A 193 8.12 17.99 -9.99
N ARG A 194 7.42 16.87 -10.30
CA ARG A 194 8.08 15.56 -10.28
C ARG A 194 9.18 15.45 -11.34
N ALA A 195 9.22 16.38 -12.28
CA ALA A 195 10.33 16.49 -13.23
C ALA A 195 11.67 16.71 -12.50
N ARG A 196 11.59 17.40 -11.35
CA ARG A 196 12.80 17.90 -10.71
C ARG A 196 13.44 16.86 -9.79
N ALA A 197 14.74 16.96 -9.61
CA ALA A 197 15.57 15.95 -8.93
C ALA A 197 14.95 15.57 -7.59
N ALA A 198 14.66 14.28 -7.41
CA ALA A 198 13.94 13.80 -6.25
C ALA A 198 14.74 13.90 -4.96
N GLY A 199 16.05 13.72 -5.06
CA GLY A 199 16.90 13.69 -3.86
C GLY A 199 17.28 15.09 -3.40
N LEU A 200 16.92 16.13 -4.14
CA LEU A 200 17.40 17.48 -3.87
C LEU A 200 16.29 18.40 -3.41
N ASN A 201 15.02 18.03 -3.56
CA ASN A 201 13.91 18.95 -3.46
C ASN A 201 12.79 18.42 -2.60
N LEU A 202 12.08 19.41 -2.02
CA LEU A 202 10.70 19.26 -1.57
C LEU A 202 9.79 19.51 -2.76
N ILE A 203 8.88 18.54 -3.06
CA ILE A 203 8.11 18.51 -4.30
C ILE A 203 6.63 18.34 -4.02
N PRO A 204 5.86 19.45 -3.93
CA PRO A 204 4.40 19.33 -3.81
C PRO A 204 3.84 18.62 -5.05
N THR A 205 2.86 17.72 -4.86
CA THR A 205 2.28 16.94 -5.94
C THR A 205 0.89 16.56 -5.47
N SER A 206 -0.01 16.61 -6.42
CA SER A 206 -1.38 16.25 -6.14
C SER A 206 -1.44 14.81 -5.62
N THR A 207 -2.43 14.56 -4.81
CA THR A 207 -2.85 13.19 -4.65
C THR A 207 -4.36 13.16 -4.49
N GLY A 208 -4.99 12.16 -5.03
CA GLY A 208 -6.44 12.25 -5.25
C GLY A 208 -7.22 11.87 -4.02
N VAL A 209 -6.98 12.64 -2.92
CA VAL A 209 -7.49 12.35 -1.59
C VAL A 209 -9.00 12.22 -1.64
N SER A 210 -9.66 13.27 -2.13
CA SER A 210 -11.10 13.34 -2.10
CA SER A 210 -11.10 13.30 -2.02
C SER A 210 -11.73 12.15 -2.80
N LYS A 211 -11.25 11.90 -4.02
CA LYS A 211 -11.78 10.78 -4.80
C LYS A 211 -11.56 9.39 -4.17
N ALA A 212 -10.39 9.16 -3.56
CA ALA A 212 -10.08 7.89 -2.89
C ALA A 212 -10.92 7.62 -1.66
N ILE A 213 -10.99 8.65 -0.79
CA ILE A 213 -11.82 8.48 0.37
C ILE A 213 -13.24 8.25 -0.06
N SER A 214 -13.71 8.93 -1.14
CA SER A 214 -15.07 8.75 -1.62
C SER A 214 -15.36 7.29 -1.95
N LEU A 215 -14.37 6.56 -2.45
CA LEU A 215 -14.57 5.16 -2.79
C LEU A 215 -14.74 4.28 -1.55
N VAL A 216 -13.89 4.52 -0.56
CA VAL A 216 -13.83 3.61 0.57
C VAL A 216 -14.65 4.07 1.77
N LEU A 217 -14.87 5.38 1.89
CA LEU A 217 -15.66 6.00 2.97
C LEU A 217 -16.54 7.04 2.34
N PRO A 218 -17.62 6.63 1.62
CA PRO A 218 -18.33 7.58 0.75
C PRO A 218 -18.81 8.83 1.42
N HIS A 219 -19.27 8.73 2.66
CA HIS A 219 -19.76 9.87 3.44
C HIS A 219 -18.69 10.91 3.74
N LEU A 220 -17.42 10.50 3.80
CA LEU A 220 -16.31 11.39 4.13
C LEU A 220 -15.69 11.99 2.89
N GLY A 221 -15.85 11.35 1.72
CA GLY A 221 -15.17 11.84 0.55
C GLY A 221 -15.35 13.34 0.27
N PRO A 222 -16.58 13.88 0.33
CA PRO A 222 -16.81 15.30 0.12
C PRO A 222 -16.31 16.21 1.21
N LYS A 223 -15.85 15.60 2.29
CA LYS A 223 -15.42 16.35 3.47
C LYS A 223 -13.91 16.46 3.60
N VAL A 224 -13.13 15.80 2.73
CA VAL A 224 -11.69 15.81 2.90
CA VAL A 224 -11.69 15.68 2.88
C VAL A 224 -11.02 16.10 1.57
N THR A 225 -9.86 16.75 1.67
CA THR A 225 -9.01 16.92 0.51
C THR A 225 -7.55 17.05 1.04
N GLY A 226 -6.60 17.13 0.13
CA GLY A 226 -5.22 17.25 0.55
C GLY A 226 -4.27 17.09 -0.60
N LEU A 227 -2.99 16.96 -0.25
CA LEU A 227 -1.90 16.93 -1.22
C LEU A 227 -0.72 16.16 -0.61
N ALA A 228 0.27 15.91 -1.46
CA ALA A 228 1.52 15.29 -1.05
C ALA A 228 2.69 16.24 -1.23
N ILE A 229 3.72 16.03 -0.40
CA ILE A 229 5.03 16.67 -0.57
C ILE A 229 6.04 15.55 -0.60
N ARG A 230 6.63 15.31 -1.78
CA ARG A 230 7.70 14.31 -1.89
C ARG A 230 9.00 14.94 -1.39
N VAL A 231 9.75 14.16 -0.60
CA VAL A 231 10.97 14.67 0.01
C VAL A 231 12.08 13.66 -0.13
N PRO A 232 13.34 14.08 0.16
CA PRO A 232 14.50 13.19 -0.10
C PRO A 232 14.75 12.10 0.94
N THR A 233 13.81 11.20 1.10
CA THR A 233 14.00 9.94 1.80
C THR A 233 13.55 8.83 0.88
N PRO A 234 14.15 7.63 0.98
CA PRO A 234 13.88 6.56 0.01
C PRO A 234 12.71 5.67 0.34
N ASN A 235 12.24 5.75 1.57
CA ASN A 235 11.13 4.94 2.01
C ASN A 235 10.68 5.45 3.38
N VAL A 236 9.39 5.22 3.66
CA VAL A 236 8.67 5.63 4.88
C VAL A 236 8.14 7.03 4.66
N SER A 237 6.83 7.18 4.95
CA SER A 237 6.11 8.41 4.73
C SER A 237 5.32 8.76 6.01
N LEU A 238 4.75 9.96 6.00
CA LEU A 238 4.08 10.50 7.19
C LEU A 238 2.84 11.23 6.75
N VAL A 239 1.67 10.78 7.20
CA VAL A 239 0.43 11.52 6.93
C VAL A 239 0.15 12.46 8.10
N ASP A 240 -0.30 13.65 7.71
CA ASP A 240 -0.61 14.75 8.63
C ASP A 240 -2.04 15.17 8.37
N LEU A 241 -2.94 14.79 9.28
CA LEU A 241 -4.36 15.09 9.17
CA LEU A 241 -4.35 15.11 9.16
C LEU A 241 -4.69 16.27 10.08
N SER A 242 -5.34 17.29 9.50
CA SER A 242 -5.85 18.43 10.25
C SER A 242 -7.36 18.34 10.16
N LEU A 243 -7.99 18.06 11.30
CA LEU A 243 -9.40 17.66 11.32
C LEU A 243 -10.22 18.65 12.13
N ASN A 244 -11.45 18.88 11.66
CA ASN A 244 -12.46 19.63 12.38
C ASN A 244 -13.61 18.66 12.66
N PHE A 245 -13.96 18.52 13.94
CA PHE A 245 -14.96 17.57 14.38
C PHE A 245 -16.23 18.24 14.85
N LYS A 246 -17.31 17.46 14.92
CA LYS A 246 -18.55 17.92 15.54
C LYS A 246 -18.41 17.91 17.06
N LYS A 247 -17.86 16.83 17.60
CA LYS A 247 -17.67 16.68 19.04
C LYS A 247 -16.37 17.33 19.47
N SER A 248 -16.38 17.86 20.69
CA SER A 248 -15.19 18.45 21.28
C SER A 248 -14.18 17.37 21.61
N VAL A 249 -12.90 17.74 21.40
CA VAL A 249 -11.76 16.86 21.56
C VAL A 249 -10.67 17.52 22.41
N SER A 250 -9.82 16.69 22.97
CA SER A 250 -8.58 17.05 23.65
C SER A 250 -7.49 16.17 23.09
N LYS A 251 -6.24 16.54 23.34
CA LYS A 251 -5.14 15.69 22.97
C LYS A 251 -5.34 14.31 23.55
N ALA A 252 -5.66 14.25 24.85
CA ALA A 252 -5.86 12.97 25.50
C ALA A 252 -6.98 12.17 24.85
N SER A 253 -8.12 12.79 24.56
CA SER A 253 -9.26 12.03 24.07
C SER A 253 -8.97 11.45 22.67
N VAL A 254 -8.25 12.21 21.85
CA VAL A 254 -7.82 11.70 20.55
C VAL A 254 -6.86 10.53 20.71
N GLN A 255 -5.88 10.72 21.58
CA GLN A 255 -4.96 9.61 21.88
C GLN A 255 -5.71 8.35 22.28
N HIS A 256 -6.65 8.50 23.22
CA HIS A 256 -7.37 7.34 23.69
C HIS A 256 -8.21 6.67 22.62
N ALA A 257 -8.86 7.46 21.77
CA ALA A 257 -9.68 6.90 20.70
C ALA A 257 -8.81 6.06 19.73
N LEU A 258 -7.64 6.58 19.40
CA LEU A 258 -6.76 5.87 18.48
C LEU A 258 -6.20 4.60 19.11
N LYS A 259 -5.79 4.70 20.39
CA LYS A 259 -5.27 3.52 21.06
C LYS A 259 -6.32 2.44 21.17
N ASP A 260 -7.58 2.82 21.49
CA ASP A 260 -8.61 1.83 21.62
C ASP A 260 -8.83 1.09 20.29
N ALA A 261 -8.80 1.83 19.19
CA ALA A 261 -9.03 1.23 17.89
C ALA A 261 -7.96 0.21 17.54
N CYS A 262 -6.71 0.49 17.97
CA CYS A 262 -5.60 -0.41 17.71
C CYS A 262 -5.71 -1.71 18.47
N LYS A 263 -6.42 -1.70 19.60
CA LYS A 263 -6.64 -2.90 20.39
C LYS A 263 -7.75 -3.75 19.83
N HIS A 264 -8.70 -3.10 19.13
CA HIS A 264 -9.96 -3.69 18.72
C HIS A 264 -10.07 -3.76 17.19
N ALA A 265 -10.81 -2.83 16.58
CA ALA A 265 -11.22 -3.03 15.22
C ALA A 265 -10.08 -2.87 14.23
N PHE A 266 -8.97 -2.23 14.61
CA PHE A 266 -7.83 -2.04 13.72
C PHE A 266 -6.58 -2.77 14.21
N LYS A 267 -6.76 -3.80 15.03
CA LYS A 267 -5.64 -4.60 15.47
C LYS A 267 -4.91 -5.18 14.25
N GLY A 268 -3.59 -4.99 14.22
CA GLY A 268 -2.75 -5.49 13.13
C GLY A 268 -2.67 -4.54 11.93
N VAL A 269 -3.46 -3.46 11.97
CA VAL A 269 -3.60 -2.52 10.87
C VAL A 269 -3.08 -1.14 11.26
N VAL A 270 -3.57 -0.65 12.41
CA VAL A 270 -3.09 0.63 12.93
C VAL A 270 -2.36 0.30 14.24
N SER A 271 -1.26 0.98 14.49
CA SER A 271 -0.51 0.89 15.75
C SER A 271 -0.23 2.31 16.27
N ILE A 272 0.37 2.37 17.45
CA ILE A 272 0.69 3.60 18.12
C ILE A 272 2.18 3.58 18.46
N ASP A 273 2.88 4.67 18.17
CA ASP A 273 4.25 4.85 18.64
C ASP A 273 4.27 5.77 19.84
N GLU A 274 4.69 5.22 20.97
CA GLU A 274 4.89 6.00 22.20
C GLU A 274 6.38 6.18 22.50
N GLU A 275 7.29 5.76 21.62
CA GLU A 275 8.71 5.72 21.90
C GLU A 275 9.49 6.86 21.22
N ARG A 276 8.81 7.79 20.57
N ARG A 276 8.81 7.79 20.57
CA ARG A 276 9.47 8.96 20.00
CA ARG A 276 9.47 8.96 20.01
C ARG A 276 10.48 8.58 18.92
C ARG A 276 10.47 8.58 18.93
N LEU A 277 10.04 7.69 18.03
CA LEU A 277 10.85 7.21 16.94
C LEU A 277 10.80 8.18 15.74
N VAL A 278 11.67 7.92 14.77
CA VAL A 278 11.77 8.72 13.54
C VAL A 278 11.57 7.80 12.32
N SER A 279 11.55 8.37 11.12
CA SER A 279 11.07 7.60 9.97
C SER A 279 11.84 6.29 9.76
N SER A 280 13.18 6.31 9.90
CA SER A 280 13.95 5.13 9.58
C SER A 280 13.60 3.96 10.47
N ASP A 281 13.05 4.25 11.66
CA ASP A 281 12.69 3.22 12.60
C ASP A 281 11.52 2.37 12.12
N PHE A 282 10.76 2.85 11.12
CA PHE A 282 9.57 2.17 10.62
C PHE A 282 9.83 1.42 9.32
N ILE A 283 11.08 1.35 8.88
CA ILE A 283 11.41 0.54 7.72
C ILE A 283 10.98 -0.88 8.02
N SER A 284 10.20 -1.42 7.07
CA SER A 284 9.69 -2.77 7.06
C SER A 284 8.50 -2.97 8.03
N SER A 285 7.99 -1.89 8.65
CA SER A 285 6.82 -2.03 9.52
C SER A 285 5.64 -2.54 8.70
N PRO A 286 4.86 -3.47 9.28
CA PRO A 286 3.73 -4.01 8.52
C PRO A 286 2.43 -3.23 8.64
N PHE A 287 2.39 -2.18 9.47
CA PHE A 287 1.14 -1.49 9.73
C PHE A 287 0.77 -0.54 8.60
N SER A 288 -0.54 -0.36 8.39
CA SER A 288 -1.01 0.67 7.50
C SER A 288 -0.71 2.08 7.98
N ALA A 289 -0.70 2.26 9.32
CA ALA A 289 -0.43 3.57 9.91
C ALA A 289 0.06 3.33 11.34
N ILE A 290 1.06 4.11 11.75
CA ILE A 290 1.59 4.11 13.12
C ILE A 290 1.46 5.53 13.65
N VAL A 291 0.47 5.75 14.56
CA VAL A 291 0.18 7.07 15.06
C VAL A 291 1.31 7.58 15.92
N ILE A 292 1.63 8.87 15.77
CA ILE A 292 2.66 9.49 16.59
C ILE A 292 1.98 10.06 17.84
N ASP A 293 2.02 9.29 18.93
CA ASP A 293 1.17 9.58 20.06
C ASP A 293 1.44 10.97 20.66
N ASP A 294 2.73 11.31 20.83
CA ASP A 294 3.11 12.52 21.56
C ASP A 294 2.90 13.78 20.74
N GLN A 295 2.72 13.67 19.41
CA GLN A 295 2.57 14.83 18.57
C GLN A 295 1.11 15.13 18.26
N ILE A 296 0.17 14.36 18.77
CA ILE A 296 -1.23 14.74 18.64
C ILE A 296 -1.43 16.09 19.32
N MET A 297 -2.20 16.96 18.68
CA MET A 297 -2.50 18.22 19.31
C MET A 297 -3.88 18.68 18.89
N THR A 298 -4.44 19.55 19.74
CA THR A 298 -5.73 20.14 19.48
C THR A 298 -5.66 21.66 19.59
N ILE A 299 -6.63 22.34 18.97
CA ILE A 299 -6.75 23.79 19.15
C ILE A 299 -8.22 24.11 19.02
N GLY A 300 -8.70 25.03 19.85
CA GLY A 300 -10.13 25.26 19.94
C GLY A 300 -10.71 23.97 20.53
N GLU A 301 -11.99 23.89 20.53
CA GLU A 301 -12.63 22.71 21.07
C GLU A 301 -12.67 21.58 20.03
N LYS A 302 -12.57 21.92 18.74
CA LYS A 302 -13.05 20.99 17.71
C LYS A 302 -11.99 20.56 16.74
N ASN A 303 -10.74 21.05 16.85
CA ASN A 303 -9.76 20.75 15.82
C ASN A 303 -8.60 19.95 16.41
N ALA A 304 -8.10 19.03 15.56
CA ALA A 304 -6.94 18.23 15.96
C ALA A 304 -6.02 18.01 14.78
N LYS A 305 -4.72 17.87 15.09
CA LYS A 305 -3.73 17.38 14.15
C LYS A 305 -3.28 16.02 14.64
N VAL A 306 -3.28 15.06 13.70
CA VAL A 306 -2.85 13.68 13.94
C VAL A 306 -1.84 13.32 12.86
N LEU A 307 -0.65 12.88 13.29
CA LEU A 307 0.38 12.37 12.37
C LEU A 307 0.48 10.85 12.49
N ALA A 308 0.82 10.17 11.37
CA ALA A 308 1.08 8.76 11.43
C ALA A 308 2.09 8.36 10.36
N TRP A 309 3.01 7.49 10.78
CA TRP A 309 3.99 6.89 9.87
C TRP A 309 3.36 5.79 9.04
N TYR A 310 4.00 5.50 7.90
CA TYR A 310 3.71 4.27 7.18
C TYR A 310 4.90 3.96 6.29
N ASP A 311 5.28 2.67 6.25
CA ASP A 311 6.22 2.21 5.25
C ASP A 311 5.42 2.03 3.96
N ASN A 312 5.59 2.98 3.03
CA ASN A 312 4.77 3.02 1.83
C ASN A 312 4.97 1.80 0.94
N GLU A 313 6.10 1.12 1.06
CA GLU A 313 6.31 -0.13 0.35
C GLU A 313 5.74 -1.32 1.12
N MET A 314 6.19 -1.50 2.37
CA MET A 314 5.93 -2.73 3.12
C MET A 314 4.54 -2.78 3.77
N GLY A 315 4.08 -1.66 4.35
CA GLY A 315 2.75 -1.69 4.92
C GLY A 315 1.73 -2.00 3.84
N TYR A 316 1.89 -1.31 2.71
CA TYR A 316 1.01 -1.52 1.58
C TYR A 316 1.07 -2.96 1.09
N SER A 317 2.28 -3.51 0.95
CA SER A 317 2.43 -4.88 0.48
C SER A 317 1.84 -5.90 1.44
N GLU A 318 1.96 -5.66 2.75
CA GLU A 318 1.29 -6.51 3.73
C GLU A 318 -0.22 -6.51 3.51
N ARG A 319 -0.77 -5.32 3.22
CA ARG A 319 -2.19 -5.22 2.95
C ARG A 319 -2.56 -5.92 1.64
N LEU A 320 -1.73 -5.81 0.60
CA LEU A 320 -2.00 -6.50 -0.67
C LEU A 320 -2.21 -7.99 -0.43
N ILE A 321 -1.31 -8.57 0.36
CA ILE A 321 -1.37 -10.00 0.58
C ILE A 321 -2.50 -10.34 1.57
N ASP A 322 -2.78 -9.48 2.57
CA ASP A 322 -3.97 -9.63 3.38
C ASP A 322 -5.23 -9.69 2.53
N MET A 323 -5.31 -8.81 1.53
CA MET A 323 -6.46 -8.76 0.66
C MET A 323 -6.53 -10.00 -0.23
N ALA A 324 -5.40 -10.50 -0.72
CA ALA A 324 -5.41 -11.76 -1.50
C ALA A 324 -5.97 -12.89 -0.65
N GLN A 325 -5.52 -13.02 0.59
CA GLN A 325 -6.03 -14.05 1.47
C GLN A 325 -7.54 -13.89 1.70
N TYR A 326 -7.97 -12.64 1.88
CA TYR A 326 -9.37 -12.38 2.16
C TYR A 326 -10.28 -12.70 0.98
N ILE A 327 -9.91 -12.24 -0.22
CA ILE A 327 -10.79 -12.44 -1.37
C ILE A 327 -10.80 -13.89 -1.82
N ALA A 328 -9.77 -14.66 -1.50
CA ALA A 328 -9.74 -16.07 -1.84
C ALA A 328 -10.72 -16.86 -1.00
N GLN A 329 -11.03 -16.40 0.21
CA GLN A 329 -11.77 -17.16 1.22
C GLN A 329 -13.16 -16.57 1.40
N ASN A 330 -13.48 -15.49 0.68
CA ASN A 330 -14.67 -14.67 0.87
C ASN A 330 -15.09 -14.03 -0.45
PA NAP B . 8.54 0.57 -10.01
O1A NAP B . 9.56 0.40 -8.93
O2A NAP B . 8.82 1.48 -11.11
O5B NAP B . 8.22 -0.90 -10.55
C5B NAP B . 7.37 -1.18 -11.65
C4B NAP B . 8.04 -2.26 -12.43
O4B NAP B . 7.11 -2.75 -13.41
C3B NAP B . 9.30 -1.85 -13.20
O3B NAP B . 10.42 -2.59 -12.71
C2B NAP B . 8.96 -2.18 -14.65
O2B NAP B . 10.05 -2.75 -15.39
C1B NAP B . 7.89 -3.22 -14.49
N9A NAP B . 7.01 -3.39 -15.63
C8A NAP B . 6.47 -2.42 -16.41
N7A NAP B . 5.69 -2.90 -17.36
C5A NAP B . 5.72 -4.26 -17.18
C6A NAP B . 5.08 -5.31 -17.86
N6A NAP B . 4.23 -5.10 -18.87
N1A NAP B . 5.30 -6.57 -17.40
C2A NAP B . 6.13 -6.73 -16.36
N3A NAP B . 6.80 -5.81 -15.67
C4A NAP B . 6.56 -4.59 -16.14
O3 NAP B . 7.11 1.03 -9.42
PN NAP B . 6.45 0.70 -8.00
O1N NAP B . 6.84 1.76 -7.01
O2N NAP B . 6.68 -0.72 -7.67
O5D NAP B . 4.94 1.01 -8.32
C5D NAP B . 4.11 0.07 -9.06
C4D NAP B . 2.69 0.51 -8.92
O4D NAP B . 2.31 0.42 -7.54
C3D NAP B . 2.40 1.95 -9.35
O3D NAP B . 1.12 2.05 -9.92
C2D NAP B . 2.47 2.70 -8.03
O2D NAP B . 1.71 3.89 -8.01
C1D NAP B . 1.90 1.69 -7.08
N1N NAP B . 2.29 1.86 -5.66
C2N NAP B . 3.56 2.18 -5.30
C3N NAP B . 3.90 2.34 -3.95
C7N NAP B . 5.28 2.75 -3.56
O7N NAP B . 6.29 2.56 -4.30
N7N NAP B . 5.36 3.33 -2.41
C4N NAP B . 2.96 2.05 -2.98
C5N NAP B . 1.68 1.64 -3.34
C6N NAP B . 1.38 1.53 -4.68
P2B NAP B . 10.63 -2.03 -16.72
O1X NAP B . 11.47 -0.85 -16.22
O2X NAP B . 11.41 -3.14 -17.35
O3X NAP B . 9.46 -1.60 -17.56
H51A NAP B . 7.25 -0.37 -12.23
H52A NAP B . 6.48 -1.48 -11.34
H4B NAP B . 8.25 -2.99 -11.81
H3B NAP B . 9.46 -0.87 -13.11
HO3A NAP B . 10.71 -3.08 -13.33
H2B NAP B . 8.63 -1.38 -15.13
H1B NAP B . 8.30 -4.08 -14.25
H8A NAP B . 6.64 -1.51 -16.29
H61A NAP B . 3.84 -5.78 -19.27
H62A NAP B . 4.06 -4.28 -19.14
H2A NAP B . 6.28 -7.63 -16.09
H51N NAP B . 4.21 -0.83 -8.68
H52N NAP B . 4.37 0.05 -10.01
H4D NAP B . 2.14 -0.10 -9.44
H3D NAP B . 3.09 2.27 -9.98
HO3N NAP B . 0.99 2.86 -10.16
H2D NAP B . 3.41 2.91 -7.81
HO2N NAP B . 1.79 4.27 -7.25
H1D NAP B . 0.91 1.74 -7.13
H2N NAP B . 4.19 2.40 -5.96
H71N NAP B . 4.64 3.49 -1.92
H72N NAP B . 6.16 3.56 -2.08
H4N NAP B . 3.17 2.12 -2.07
H5N NAP B . 1.03 1.46 -2.69
H6N NAP B . 0.51 1.28 -4.94
S SO4 C . 3.81 6.49 -7.42
O1 SO4 C . 4.72 7.57 -7.24
O2 SO4 C . 2.42 6.62 -7.24
O3 SO4 C . 4.15 5.61 -8.54
O4 SO4 C . 4.29 5.69 -6.26
#